data_5ZVL
#
_entry.id   5ZVL
#
_cell.length_a   92.557
_cell.length_b   173.636
_cell.length_c   175.708
_cell.angle_alpha   90.000
_cell.angle_beta   90.000
_cell.angle_gamma   90.000
#
_symmetry.space_group_name_H-M   'I 2 2 2'
#
loop_
_entity.id
_entity.type
_entity.pdbx_description
1 polymer Glutaredoxin
2 water water
#
_entity_poly.entity_id   1
_entity_poly.type   'polypeptide(L)'
_entity_poly.pdbx_seq_one_letter_code
;MHHHHHHSSGLVPRGSGMKETAAAKFERQHMDSPDLGTDDDDKAMAISDPMALAKAKEIVASAPVVVFSKSYCPFCVQVK
KLFTQLGASFKAIELDTESDGTEIQSALAEWTGQRTVPNVFINGKHIGGCDDTIALNKGGKLVALLTEAGAISGSSSKTT
VTPLEHHHHHH
;
_entity_poly.pdbx_strand_id   A,B,C,D,E
#
# COMPACT_ATOMS: atom_id res chain seq x y z
N SER A 48 36.33 -37.74 -6.97
CA SER A 48 34.94 -37.54 -7.32
C SER A 48 34.09 -37.20 -6.10
N ASP A 49 33.81 -38.21 -5.30
CA ASP A 49 33.00 -38.05 -4.12
C ASP A 49 31.69 -37.31 -4.37
N PRO A 50 31.63 -35.99 -3.96
CA PRO A 50 30.33 -35.35 -4.16
C PRO A 50 30.00 -35.25 -5.61
N MET A 51 31.01 -35.45 -6.43
CA MET A 51 30.81 -35.39 -7.87
C MET A 51 30.09 -36.65 -8.21
N ALA A 52 30.44 -37.69 -7.50
CA ALA A 52 29.85 -39.01 -7.67
C ALA A 52 28.37 -39.00 -7.28
N LEU A 53 28.11 -38.54 -6.05
CA LEU A 53 26.77 -38.41 -5.50
C LEU A 53 25.82 -37.66 -6.40
N ALA A 54 26.37 -36.74 -7.18
CA ALA A 54 25.58 -36.01 -8.16
C ALA A 54 25.12 -36.95 -9.27
N LYS A 55 26.06 -37.62 -9.89
CA LYS A 55 25.78 -38.46 -11.02
C LYS A 55 24.77 -39.46 -10.62
N ALA A 56 25.00 -40.06 -9.50
CA ALA A 56 24.05 -40.98 -8.89
C ALA A 56 22.64 -40.39 -9.02
N LYS A 57 22.43 -39.25 -8.35
CA LYS A 57 21.17 -38.51 -8.34
C LYS A 57 20.70 -38.10 -9.72
N GLU A 58 21.65 -37.69 -10.54
CA GLU A 58 21.33 -37.33 -11.88
C GLU A 58 20.62 -38.50 -12.49
N ILE A 59 21.24 -39.66 -12.42
CA ILE A 59 20.67 -40.90 -12.97
C ILE A 59 19.25 -41.12 -12.49
N VAL A 60 19.04 -41.11 -11.20
CA VAL A 60 17.78 -41.50 -10.66
C VAL A 60 16.72 -40.62 -11.15
N ALA A 61 17.07 -39.39 -11.42
CA ALA A 61 16.15 -38.47 -12.05
C ALA A 61 16.05 -38.87 -13.51
N SER A 62 14.84 -39.22 -13.94
CA SER A 62 14.57 -39.81 -15.25
C SER A 62 15.49 -41.02 -15.52
N ALA A 63 15.13 -42.26 -15.12
CA ALA A 63 13.83 -42.77 -14.58
C ALA A 63 12.68 -42.69 -15.59
N PRO A 64 11.50 -43.13 -15.22
CA PRO A 64 10.67 -43.59 -14.12
C PRO A 64 11.26 -44.50 -13.14
N VAL A 65 11.62 -45.70 -13.58
CA VAL A 65 12.24 -46.68 -12.70
C VAL A 65 13.74 -46.69 -12.92
N VAL A 66 14.50 -46.86 -11.84
CA VAL A 66 15.94 -47.03 -11.96
C VAL A 66 16.43 -48.09 -11.00
N VAL A 67 17.16 -49.07 -11.54
CA VAL A 67 17.76 -50.13 -10.75
C VAL A 67 19.26 -50.05 -10.85
N PHE A 68 19.93 -49.68 -9.77
CA PHE A 68 21.37 -49.79 -9.76
C PHE A 68 21.64 -51.27 -9.64
N SER A 69 22.67 -51.75 -10.31
CA SER A 69 22.81 -53.20 -10.50
C SER A 69 24.26 -53.60 -10.76
N LYS A 70 24.54 -54.89 -10.66
CA LYS A 70 25.72 -55.51 -11.28
C LYS A 70 25.36 -56.61 -12.24
N SER A 71 26.28 -56.89 -13.15
CA SER A 71 26.07 -57.85 -14.23
C SER A 71 25.84 -59.24 -13.77
N TYR A 72 26.55 -59.57 -12.73
CA TYR A 72 26.56 -60.87 -12.18
C TYR A 72 25.78 -61.07 -10.93
N CYS A 73 24.84 -60.20 -10.65
CA CYS A 73 24.04 -60.29 -9.42
C CYS A 73 22.72 -61.04 -9.67
N PRO A 74 22.58 -62.22 -9.05
CA PRO A 74 21.38 -63.05 -9.12
C PRO A 74 20.10 -62.24 -8.85
N PHE A 75 20.02 -61.60 -7.69
CA PHE A 75 18.84 -60.84 -7.29
C PHE A 75 18.44 -59.75 -8.28
N CYS A 76 19.41 -58.90 -8.70
CA CYS A 76 19.15 -57.81 -9.66
C CYS A 76 18.33 -58.29 -10.85
N VAL A 77 18.63 -59.52 -11.28
CA VAL A 77 17.93 -60.14 -12.40
C VAL A 77 16.47 -60.52 -12.07
N GLN A 78 16.18 -60.72 -10.79
CA GLN A 78 14.84 -61.13 -10.40
C GLN A 78 13.98 -59.95 -10.42
N VAL A 79 14.61 -58.88 -10.01
CA VAL A 79 14.01 -57.57 -10.07
C VAL A 79 13.64 -57.30 -11.52
N LYS A 80 14.65 -57.18 -12.36
CA LYS A 80 14.42 -56.75 -13.72
C LYS A 80 13.36 -57.54 -14.42
N LYS A 81 13.17 -58.71 -13.94
CA LYS A 81 12.24 -59.52 -14.56
C LYS A 81 10.89 -59.15 -14.07
N LEU A 82 10.82 -59.00 -12.76
CA LEU A 82 9.57 -58.65 -12.12
C LEU A 82 8.97 -57.46 -12.80
N PHE A 83 9.81 -56.56 -13.24
CA PHE A 83 9.25 -55.39 -13.82
C PHE A 83 8.72 -55.79 -15.15
N THR A 84 9.54 -56.51 -15.88
CA THR A 84 9.21 -56.75 -17.23
C THR A 84 7.96 -57.53 -17.32
N GLN A 85 7.74 -58.43 -16.39
CA GLN A 85 6.58 -59.24 -16.48
C GLN A 85 5.45 -58.56 -15.83
N LEU A 86 5.68 -57.31 -15.48
CA LEU A 86 4.67 -56.45 -14.89
C LEU A 86 4.18 -55.40 -15.86
N GLY A 87 4.89 -55.24 -16.97
CA GLY A 87 4.53 -54.25 -17.97
C GLY A 87 5.33 -52.98 -17.74
N ALA A 88 6.31 -53.08 -16.86
CA ALA A 88 7.08 -51.92 -16.43
C ALA A 88 8.03 -51.48 -17.51
N SER A 89 9.03 -50.72 -17.09
CA SER A 89 9.98 -50.09 -17.97
C SER A 89 10.98 -49.45 -17.14
N PHE A 90 12.24 -49.71 -17.38
CA PHE A 90 13.26 -49.24 -16.46
C PHE A 90 14.59 -48.90 -17.11
N LYS A 91 15.53 -48.54 -16.28
CA LYS A 91 16.82 -48.13 -16.76
C LYS A 91 17.73 -48.77 -15.81
N ALA A 92 18.73 -49.46 -16.29
CA ALA A 92 19.58 -50.29 -15.44
C ALA A 92 21.01 -49.82 -15.59
N ILE A 93 21.81 -50.03 -14.58
CA ILE A 93 23.11 -49.48 -14.59
C ILE A 93 24.09 -50.42 -14.00
N GLU A 94 24.77 -51.15 -14.84
CA GLU A 94 25.60 -52.25 -14.37
C GLU A 94 26.95 -51.70 -13.89
N LEU A 95 27.15 -51.68 -12.62
CA LEU A 95 28.21 -50.91 -12.14
C LEU A 95 29.55 -51.50 -12.32
N ASP A 96 29.59 -52.79 -12.47
CA ASP A 96 30.82 -53.51 -12.76
C ASP A 96 31.35 -53.10 -14.14
N THR A 97 30.43 -52.98 -15.10
CA THR A 97 30.74 -52.42 -16.41
C THR A 97 31.58 -51.15 -16.22
N GLU A 98 30.96 -50.09 -15.72
CA GLU A 98 31.55 -48.74 -15.68
C GLU A 98 32.69 -48.44 -14.74
N SER A 99 33.57 -47.58 -15.20
CA SER A 99 34.78 -47.19 -14.51
C SER A 99 34.58 -46.49 -13.19
N ASP A 100 33.43 -45.85 -13.04
CA ASP A 100 33.09 -45.12 -11.86
C ASP A 100 32.33 -46.01 -10.91
N GLY A 101 31.19 -46.49 -11.38
CA GLY A 101 30.31 -47.36 -10.66
C GLY A 101 30.65 -47.86 -9.28
N THR A 102 31.89 -47.76 -8.89
CA THR A 102 32.31 -48.21 -7.58
C THR A 102 32.26 -47.05 -6.63
N GLU A 103 32.35 -45.86 -7.18
CA GLU A 103 32.30 -44.64 -6.41
C GLU A 103 30.85 -44.40 -6.18
N ILE A 104 30.09 -44.42 -7.24
CA ILE A 104 28.69 -44.40 -7.08
C ILE A 104 28.29 -45.23 -5.91
N GLN A 105 28.50 -46.51 -6.00
CA GLN A 105 28.11 -47.43 -4.99
C GLN A 105 28.42 -46.90 -3.63
N SER A 106 29.50 -46.13 -3.53
CA SER A 106 29.91 -45.55 -2.24
C SER A 106 29.02 -44.38 -1.92
N ALA A 107 28.74 -43.61 -2.95
CA ALA A 107 27.78 -42.52 -2.89
C ALA A 107 26.43 -43.03 -2.44
N LEU A 108 25.84 -43.93 -3.23
CA LEU A 108 24.55 -44.52 -2.90
C LEU A 108 24.50 -45.00 -1.44
N ALA A 109 25.65 -45.44 -0.93
CA ALA A 109 25.73 -45.91 0.45
C ALA A 109 25.52 -44.77 1.42
N GLU A 110 26.23 -43.69 1.21
CA GLU A 110 26.12 -42.57 2.09
C GLU A 110 24.73 -42.01 1.94
N TRP A 111 24.35 -41.78 0.72
CA TRP A 111 23.06 -41.22 0.47
C TRP A 111 21.91 -42.03 1.00
N THR A 112 21.82 -43.31 0.74
CA THR A 112 20.64 -44.06 1.15
C THR A 112 20.85 -45.18 2.15
N GLY A 113 22.10 -45.41 2.56
CA GLY A 113 22.37 -46.40 3.58
C GLY A 113 22.34 -47.84 3.09
N GLN A 114 22.15 -48.03 1.78
CA GLN A 114 22.06 -49.35 1.19
C GLN A 114 23.28 -49.59 0.40
N ARG A 115 24.08 -50.54 0.84
CA ARG A 115 25.33 -50.87 0.20
C ARG A 115 25.27 -52.04 -0.77
N THR A 116 24.17 -52.77 -0.75
CA THR A 116 23.97 -53.91 -1.60
C THR A 116 23.32 -53.50 -2.86
N VAL A 117 23.27 -54.42 -3.79
CA VAL A 117 22.62 -54.15 -5.04
C VAL A 117 21.61 -55.24 -5.17
N PRO A 118 20.44 -55.05 -5.90
CA PRO A 118 20.28 -53.74 -6.55
C PRO A 118 19.88 -52.60 -5.61
N ASN A 119 19.51 -51.49 -6.22
CA ASN A 119 19.02 -50.29 -5.56
C ASN A 119 17.92 -49.79 -6.41
N VAL A 120 16.72 -50.13 -6.04
CA VAL A 120 15.58 -49.76 -6.83
C VAL A 120 15.03 -48.40 -6.52
N PHE A 121 14.85 -47.61 -7.53
CA PHE A 121 14.23 -46.31 -7.42
C PHE A 121 13.05 -46.30 -8.37
N ILE A 122 11.93 -45.79 -7.89
CA ILE A 122 10.75 -45.63 -8.70
C ILE A 122 10.36 -44.16 -8.63
N ASN A 123 10.84 -43.38 -9.59
CA ASN A 123 10.54 -41.94 -9.65
C ASN A 123 10.84 -41.31 -8.30
N GLY A 124 9.82 -41.34 -7.47
CA GLY A 124 9.98 -40.97 -6.10
C GLY A 124 10.99 -41.86 -5.41
N LYS A 125 12.27 -41.60 -5.70
CA LYS A 125 13.30 -42.02 -4.79
C LYS A 125 13.26 -43.53 -4.38
N HIS A 126 13.79 -43.81 -3.21
CA HIS A 126 14.38 -45.08 -2.85
C HIS A 126 13.40 -46.14 -2.37
N ILE A 127 13.49 -47.34 -2.96
CA ILE A 127 12.66 -48.48 -2.58
C ILE A 127 13.48 -49.46 -1.81
N GLY A 128 14.74 -49.56 -2.22
CA GLY A 128 15.69 -50.45 -1.56
C GLY A 128 16.18 -51.56 -2.47
N GLY A 129 16.01 -52.79 -2.01
CA GLY A 129 16.47 -53.96 -2.74
C GLY A 129 15.37 -54.78 -3.38
N CYS A 130 15.77 -55.88 -4.00
CA CYS A 130 14.85 -56.86 -4.54
C CYS A 130 14.05 -57.26 -3.33
N ASP A 131 14.84 -57.37 -2.31
CA ASP A 131 14.48 -57.93 -1.10
C ASP A 131 13.21 -57.26 -0.61
N ASP A 132 13.03 -56.00 -0.98
CA ASP A 132 11.87 -55.19 -0.65
C ASP A 132 10.86 -55.13 -1.80
N THR A 133 11.32 -54.68 -2.94
CA THR A 133 10.52 -54.56 -4.13
C THR A 133 9.49 -55.62 -4.35
N ILE A 134 9.83 -56.83 -3.98
CA ILE A 134 8.93 -57.96 -4.08
C ILE A 134 7.77 -57.76 -3.10
N ALA A 135 8.13 -57.55 -1.82
CA ALA A 135 7.15 -57.35 -0.76
C ALA A 135 6.13 -56.25 -1.09
N LEU A 136 6.52 -55.32 -1.90
CA LEU A 136 5.62 -54.28 -2.29
C LEU A 136 4.72 -54.74 -3.37
N ASN A 137 5.04 -55.88 -3.94
CA ASN A 137 4.22 -56.51 -4.94
C ASN A 137 3.31 -57.53 -4.33
N LYS A 138 3.56 -57.90 -3.09
CA LYS A 138 2.70 -58.83 -2.41
C LYS A 138 1.36 -58.15 -2.39
N GLY A 139 1.31 -57.03 -1.69
CA GLY A 139 0.11 -56.23 -1.61
C GLY A 139 0.01 -55.51 -2.93
N GLY A 140 -1.07 -55.72 -3.64
CA GLY A 140 -1.15 -55.06 -4.93
C GLY A 140 -0.84 -53.57 -4.95
N LYS A 141 0.33 -53.17 -4.46
CA LYS A 141 0.72 -51.76 -4.51
C LYS A 141 1.81 -51.45 -5.48
N LEU A 142 2.77 -52.33 -5.66
CA LEU A 142 3.88 -51.98 -6.50
C LEU A 142 3.43 -51.74 -7.89
N VAL A 143 2.30 -52.26 -8.20
CA VAL A 143 1.71 -51.97 -9.50
C VAL A 143 1.26 -50.53 -9.55
N ALA A 144 0.86 -49.99 -8.39
CA ALA A 144 0.48 -48.58 -8.28
C ALA A 144 1.67 -47.65 -8.57
N LEU A 145 2.61 -47.60 -7.63
CA LEU A 145 3.78 -46.72 -7.75
C LEU A 145 4.37 -46.75 -9.15
N LEU A 146 4.15 -47.81 -9.85
CA LEU A 146 4.78 -47.92 -11.11
C LEU A 146 3.91 -47.24 -12.08
N THR A 147 2.65 -47.19 -11.75
CA THR A 147 1.68 -46.66 -12.65
C THR A 147 1.73 -45.18 -12.54
N GLU A 148 1.91 -44.73 -11.32
CA GLU A 148 1.92 -43.34 -11.07
C GLU A 148 3.10 -42.78 -11.79
N ALA A 149 4.17 -43.53 -11.79
CA ALA A 149 5.39 -43.12 -12.48
C ALA A 149 5.30 -43.32 -14.01
N GLY A 150 4.41 -44.23 -14.44
CA GLY A 150 4.19 -44.48 -15.87
C GLY A 150 4.50 -45.87 -16.44
N ALA A 151 3.46 -46.59 -16.86
CA ALA A 151 3.61 -47.91 -17.49
C ALA A 151 2.73 -48.06 -18.73
N ALA B 44 0.82 -18.57 16.01
CA ALA B 44 0.64 -20.01 16.05
C ALA B 44 0.07 -20.52 14.74
N MET B 45 -0.49 -19.57 13.99
CA MET B 45 -1.08 -19.76 12.66
C MET B 45 -1.31 -21.17 12.15
N ALA B 46 -0.96 -21.47 10.91
CA ALA B 46 -1.14 -22.82 10.41
C ALA B 46 -0.21 -23.74 11.12
N ILE B 47 1.12 -23.63 11.10
CA ILE B 47 2.10 -22.78 10.42
C ILE B 47 3.03 -22.87 11.57
N SER B 48 3.76 -23.95 11.62
CA SER B 48 4.60 -24.22 12.73
C SER B 48 5.90 -23.59 12.72
N ASP B 49 6.37 -23.20 11.56
CA ASP B 49 7.71 -22.59 11.52
C ASP B 49 7.76 -21.29 10.73
N PRO B 50 7.25 -20.20 11.32
CA PRO B 50 7.03 -19.02 10.49
C PRO B 50 8.30 -18.45 9.76
N MET B 51 9.49 -18.55 10.37
CA MET B 51 10.76 -18.19 9.71
C MET B 51 10.93 -19.00 8.45
N ALA B 52 10.51 -20.25 8.50
CA ALA B 52 10.61 -21.13 7.36
C ALA B 52 9.62 -20.76 6.27
N LEU B 53 8.37 -20.48 6.65
CA LEU B 53 7.39 -20.00 5.66
C LEU B 53 7.87 -18.69 5.09
N ALA B 54 8.56 -17.90 5.90
CA ALA B 54 9.07 -16.62 5.40
C ALA B 54 10.01 -16.90 4.26
N LYS B 55 10.96 -17.78 4.42
CA LYS B 55 11.92 -17.98 3.37
C LYS B 55 11.33 -18.56 2.20
N ALA B 56 10.40 -19.43 2.36
CA ALA B 56 9.71 -19.87 1.15
C ALA B 56 9.17 -18.69 0.37
N LYS B 57 8.55 -17.74 1.00
CA LYS B 57 7.90 -16.68 0.30
C LYS B 57 8.85 -15.70 -0.26
N GLU B 58 9.90 -15.47 0.43
CA GLU B 58 10.98 -14.67 -0.11
C GLU B 58 11.40 -15.17 -1.48
N ILE B 59 11.84 -16.43 -1.48
CA ILE B 59 12.13 -17.21 -2.70
C ILE B 59 11.08 -17.11 -3.80
N VAL B 60 9.83 -17.49 -3.52
CA VAL B 60 8.75 -17.33 -4.50
C VAL B 60 8.78 -15.97 -5.17
N ALA B 61 9.10 -14.96 -4.36
CA ALA B 61 9.16 -13.60 -4.85
C ALA B 61 10.42 -13.30 -5.71
N SER B 62 11.46 -14.11 -5.56
CA SER B 62 12.72 -13.88 -6.26
C SER B 62 12.81 -14.23 -7.75
N ALA B 63 11.72 -14.66 -8.39
CA ALA B 63 11.77 -14.87 -9.84
C ALA B 63 10.38 -14.95 -10.45
N PRO B 64 10.28 -14.69 -11.75
CA PRO B 64 8.98 -14.75 -12.45
C PRO B 64 8.38 -16.13 -12.37
N VAL B 65 9.23 -17.13 -12.52
CA VAL B 65 8.81 -18.50 -12.31
C VAL B 65 9.74 -19.13 -11.28
N VAL B 66 9.17 -19.66 -10.22
CA VAL B 66 9.99 -20.44 -9.30
C VAL B 66 9.52 -21.88 -9.26
N VAL B 67 10.48 -22.79 -9.38
CA VAL B 67 10.20 -24.21 -9.29
C VAL B 67 10.94 -24.80 -8.14
N PHE B 68 10.18 -25.20 -7.14
CA PHE B 68 10.73 -25.95 -6.06
C PHE B 68 10.93 -27.38 -6.54
N SER B 69 12.20 -27.78 -6.62
CA SER B 69 12.52 -29.10 -7.14
C SER B 69 13.41 -29.94 -6.21
N LYS B 70 13.69 -31.18 -6.61
CA LYS B 70 14.66 -32.02 -5.93
C LYS B 70 15.56 -32.52 -6.99
N SER B 71 16.82 -32.61 -6.66
CA SER B 71 17.93 -32.99 -7.53
C SER B 71 17.60 -34.22 -8.41
N TYR B 72 17.08 -35.24 -7.73
CA TYR B 72 16.81 -36.56 -8.28
C TYR B 72 15.35 -36.86 -8.59
N CYS B 73 14.55 -35.86 -8.90
CA CYS B 73 13.18 -36.17 -9.31
C CYS B 73 12.96 -35.96 -10.78
N PRO B 74 12.46 -37.01 -11.46
CA PRO B 74 12.16 -37.00 -12.90
C PRO B 74 11.09 -35.96 -13.28
N PHE B 75 9.96 -35.96 -12.57
CA PHE B 75 8.92 -34.95 -12.78
C PHE B 75 9.47 -33.52 -12.74
N CYS B 76 10.14 -33.17 -11.63
CA CYS B 76 10.88 -31.92 -11.53
C CYS B 76 11.67 -31.65 -12.78
N VAL B 77 12.43 -32.65 -13.21
CA VAL B 77 13.25 -32.48 -14.40
C VAL B 77 12.40 -32.34 -15.64
N GLN B 78 11.22 -32.95 -15.62
CA GLN B 78 10.30 -32.80 -16.73
C GLN B 78 9.88 -31.36 -16.88
N VAL B 79 9.45 -30.75 -15.79
CA VAL B 79 8.94 -29.43 -15.89
C VAL B 79 9.98 -28.49 -16.30
N LYS B 80 11.08 -28.47 -15.58
CA LYS B 80 12.15 -27.58 -15.94
C LYS B 80 12.46 -27.66 -17.40
N LYS B 81 12.04 -28.74 -18.01
CA LYS B 81 12.30 -28.93 -19.42
C LYS B 81 11.37 -28.06 -20.18
N LEU B 82 10.10 -28.38 -20.04
CA LEU B 82 9.04 -27.66 -20.69
C LEU B 82 9.27 -26.18 -20.65
N PHE B 83 9.56 -25.65 -19.48
CA PHE B 83 9.77 -24.21 -19.50
C PHE B 83 10.90 -23.86 -20.45
N THR B 84 12.03 -24.56 -20.35
CA THR B 84 13.17 -24.33 -21.25
C THR B 84 12.73 -24.50 -22.70
N GLN B 85 11.82 -25.46 -22.91
CA GLN B 85 11.26 -25.73 -24.23
C GLN B 85 10.29 -24.64 -24.65
N LEU B 86 9.73 -23.93 -23.67
CA LEU B 86 8.83 -22.81 -23.93
C LEU B 86 9.57 -21.48 -23.91
N GLY B 87 10.88 -21.53 -23.66
CA GLY B 87 11.72 -20.34 -23.69
C GLY B 87 11.68 -19.52 -22.41
N ALA B 88 11.03 -20.06 -21.39
CA ALA B 88 10.82 -19.34 -20.14
C ALA B 88 12.00 -19.49 -19.19
N SER B 89 12.58 -18.38 -18.76
CA SER B 89 13.57 -18.43 -17.71
C SER B 89 12.87 -18.71 -16.39
N PHE B 90 13.57 -19.31 -15.44
CA PHE B 90 13.00 -19.62 -14.13
C PHE B 90 14.09 -19.87 -13.09
N LYS B 91 13.67 -20.32 -11.96
CA LYS B 91 14.58 -20.52 -10.90
C LYS B 91 14.18 -21.74 -10.22
N ALA B 92 15.09 -22.68 -10.21
CA ALA B 92 14.85 -23.99 -9.66
C ALA B 92 15.52 -24.03 -8.32
N ILE B 93 14.89 -24.69 -7.35
CA ILE B 93 15.49 -24.78 -6.03
C ILE B 93 15.60 -26.24 -5.65
N GLU B 94 16.81 -26.80 -5.69
CA GLU B 94 16.97 -28.21 -5.38
C GLU B 94 16.99 -28.42 -3.89
N LEU B 95 15.83 -28.76 -3.36
CA LEU B 95 15.65 -28.81 -1.92
C LEU B 95 16.63 -29.74 -1.18
N ASP B 96 17.12 -30.75 -1.86
CA ASP B 96 17.96 -31.75 -1.21
C ASP B 96 19.39 -31.27 -1.01
N THR B 97 19.81 -30.33 -1.86
CA THR B 97 21.16 -29.74 -1.82
C THR B 97 21.22 -28.53 -0.88
N GLU B 98 20.10 -28.19 -0.26
CA GLU B 98 20.00 -27.05 0.63
C GLU B 98 20.04 -27.50 2.10
N SER B 99 20.63 -26.70 2.97
CA SER B 99 20.81 -27.07 4.36
C SER B 99 19.54 -27.10 5.10
N ASP B 100 18.60 -26.39 4.55
CA ASP B 100 17.35 -26.10 5.23
C ASP B 100 16.17 -26.52 4.36
N GLY B 101 16.46 -27.18 3.24
CA GLY B 101 15.44 -27.58 2.29
C GLY B 101 14.31 -28.40 2.86
N THR B 102 14.57 -29.13 3.94
CA THR B 102 13.51 -29.86 4.61
C THR B 102 12.51 -28.86 5.14
N GLU B 103 12.98 -27.89 5.93
CA GLU B 103 12.09 -26.90 6.55
C GLU B 103 11.35 -26.06 5.50
N ILE B 104 11.99 -25.83 4.36
CA ILE B 104 11.37 -25.01 3.31
C ILE B 104 10.29 -25.82 2.63
N GLN B 105 10.23 -27.11 2.94
CA GLN B 105 9.20 -27.96 2.35
C GLN B 105 8.02 -28.20 3.26
N SER B 106 8.29 -28.36 4.53
CA SER B 106 7.23 -28.51 5.44
C SER B 106 6.47 -27.26 5.38
N ALA B 107 7.15 -26.15 5.35
CA ALA B 107 6.57 -24.83 5.27
C ALA B 107 5.66 -24.66 4.08
N LEU B 108 6.17 -24.97 2.88
CA LEU B 108 5.34 -24.93 1.68
C LEU B 108 4.12 -25.82 1.85
N ALA B 109 4.33 -26.97 2.48
CA ALA B 109 3.26 -27.92 2.71
C ALA B 109 2.10 -27.27 3.47
N GLU B 110 2.35 -26.87 4.71
CA GLU B 110 1.41 -26.10 5.54
C GLU B 110 0.76 -24.91 4.83
N TRP B 111 1.54 -24.19 4.03
CA TRP B 111 1.08 -23.01 3.32
C TRP B 111 0.14 -23.39 2.18
N THR B 112 0.63 -24.18 1.22
CA THR B 112 -0.13 -24.54 0.02
C THR B 112 -0.92 -25.85 0.11
N GLY B 113 -0.48 -26.78 0.97
CA GLY B 113 -1.20 -28.02 1.14
C GLY B 113 -0.63 -29.14 0.29
N GLN B 114 0.35 -28.78 -0.53
CA GLN B 114 0.99 -29.69 -1.47
C GLN B 114 2.28 -30.13 -0.78
N ARG B 115 2.52 -31.43 -0.70
CA ARG B 115 3.68 -31.94 0.02
C ARG B 115 4.73 -32.45 -0.96
N THR B 116 4.31 -32.60 -2.21
CA THR B 116 5.13 -33.08 -3.31
C THR B 116 5.95 -31.99 -4.00
N VAL B 117 7.13 -32.34 -4.50
CA VAL B 117 7.80 -31.54 -5.53
C VAL B 117 7.47 -32.21 -6.86
N PRO B 118 7.63 -31.50 -7.98
CA PRO B 118 7.94 -30.08 -8.13
C PRO B 118 6.80 -29.21 -7.63
N ASN B 119 7.10 -28.03 -7.13
CA ASN B 119 6.11 -27.07 -6.69
C ASN B 119 6.30 -25.83 -7.47
N VAL B 120 5.34 -25.50 -8.27
CA VAL B 120 5.52 -24.42 -9.24
C VAL B 120 4.76 -23.12 -8.95
N PHE B 121 5.51 -22.02 -8.92
CA PHE B 121 4.95 -20.69 -8.71
C PHE B 121 5.26 -19.82 -9.91
N ILE B 122 4.21 -19.30 -10.54
CA ILE B 122 4.39 -18.37 -11.66
C ILE B 122 3.86 -16.99 -11.29
N ASN B 123 4.77 -16.03 -11.27
CA ASN B 123 4.56 -14.72 -10.66
C ASN B 123 4.70 -14.90 -9.11
N GLY B 124 3.66 -15.05 -8.34
CA GLY B 124 2.33 -15.04 -8.85
C GLY B 124 1.71 -16.28 -8.27
N LYS B 125 2.06 -16.58 -7.03
CA LYS B 125 1.50 -17.69 -6.37
C LYS B 125 1.52 -19.02 -7.11
N HIS B 126 0.70 -19.91 -6.58
CA HIS B 126 0.80 -21.30 -6.76
C HIS B 126 0.16 -21.82 -7.96
N ILE B 127 0.87 -22.72 -8.63
CA ILE B 127 0.35 -23.42 -9.80
C ILE B 127 0.03 -24.87 -9.46
N GLY B 128 0.95 -25.56 -8.81
CA GLY B 128 0.83 -26.98 -8.54
C GLY B 128 2.12 -27.74 -8.86
N GLY B 129 1.98 -28.93 -9.44
CA GLY B 129 3.13 -29.70 -9.92
C GLY B 129 3.11 -29.93 -11.42
N CYS B 130 3.99 -30.81 -11.90
CA CYS B 130 3.97 -31.32 -13.28
C CYS B 130 2.58 -31.86 -13.42
N ASP B 131 2.28 -32.61 -12.39
CA ASP B 131 0.98 -33.11 -12.11
C ASP B 131 -0.03 -31.96 -11.94
N ASP B 132 0.01 -30.97 -12.84
CA ASP B 132 -0.81 -29.73 -12.76
C ASP B 132 -0.38 -28.65 -13.68
N THR B 133 0.88 -28.27 -13.62
CA THR B 133 1.42 -27.29 -14.53
C THR B 133 1.03 -27.72 -15.92
N ILE B 134 1.19 -29.00 -16.08
CA ILE B 134 0.88 -29.65 -17.30
C ILE B 134 -0.29 -28.93 -17.91
N ALA B 135 -1.42 -29.58 -17.84
CA ALA B 135 -2.66 -29.07 -18.35
C ALA B 135 -2.66 -27.68 -18.91
N LEU B 136 -2.06 -26.73 -18.20
CA LEU B 136 -2.07 -25.35 -18.67
C LEU B 136 -1.64 -25.27 -20.10
N ASN B 137 -0.40 -25.59 -20.34
CA ASN B 137 0.08 -25.60 -21.69
C ASN B 137 -0.86 -26.38 -22.57
N LYS B 138 -1.65 -27.26 -22.00
CA LYS B 138 -2.48 -28.03 -22.88
C LYS B 138 -3.38 -27.07 -23.62
N GLY B 139 -3.71 -25.95 -23.02
CA GLY B 139 -4.43 -24.95 -23.78
C GLY B 139 -3.27 -24.13 -24.28
N GLY B 140 -3.20 -22.90 -23.84
CA GLY B 140 -2.11 -22.01 -24.19
C GLY B 140 -2.16 -21.10 -23.00
N LYS B 141 -3.13 -21.40 -22.17
CA LYS B 141 -3.32 -20.57 -21.00
C LYS B 141 -2.10 -20.48 -20.14
N LEU B 142 -1.07 -21.21 -20.50
CA LEU B 142 0.15 -21.25 -19.73
C LEU B 142 1.26 -20.43 -20.31
N VAL B 143 1.20 -20.13 -21.57
CA VAL B 143 2.28 -19.39 -22.10
C VAL B 143 1.92 -17.95 -21.93
N ALA B 144 0.68 -17.69 -21.59
CA ALA B 144 0.27 -16.39 -21.26
C ALA B 144 0.70 -16.17 -19.85
N LEU B 145 0.47 -17.15 -19.00
CA LEU B 145 0.80 -16.92 -17.60
C LEU B 145 2.28 -16.64 -17.39
N LEU B 146 3.09 -17.04 -18.33
CA LEU B 146 4.45 -16.62 -18.31
C LEU B 146 4.45 -15.37 -19.07
N THR B 147 5.52 -15.03 -19.74
CA THR B 147 5.60 -13.76 -20.50
C THR B 147 5.04 -12.52 -19.77
N GLU B 148 3.82 -12.61 -19.26
CA GLU B 148 3.23 -11.54 -18.46
C GLU B 148 3.89 -11.48 -17.09
N ALA B 149 4.72 -12.45 -16.82
CA ALA B 149 5.53 -12.45 -15.64
C ALA B 149 6.97 -12.21 -16.14
N GLY B 150 7.20 -12.38 -17.44
CA GLY B 150 8.42 -12.19 -18.19
C GLY B 150 9.75 -12.75 -17.78
N ALA B 151 10.13 -13.97 -18.18
CA ALA B 151 9.38 -14.94 -19.00
C ALA B 151 9.25 -14.60 -20.49
N ILE C 47 -18.27 0.35 0.89
CA ILE C 47 -16.83 0.27 1.06
C ILE C 47 -16.53 -0.69 2.16
N SER C 48 -17.58 -1.39 2.56
CA SER C 48 -17.53 -2.45 3.57
C SER C 48 -16.36 -3.40 3.38
N ASP C 49 -15.49 -3.52 4.39
CA ASP C 49 -15.67 -2.92 5.69
C ASP C 49 -15.46 -1.44 5.69
N PRO C 50 -16.33 -0.72 6.35
CA PRO C 50 -16.11 0.69 6.34
C PRO C 50 -14.99 0.91 7.26
N MET C 51 -13.84 0.84 6.65
CA MET C 51 -12.64 1.14 7.36
C MET C 51 -12.26 0.34 8.56
N ALA C 52 -11.29 -0.55 8.39
CA ALA C 52 -10.62 -0.86 7.11
C ALA C 52 -10.12 0.28 6.24
N LEU C 53 -10.95 0.69 5.30
CA LEU C 53 -10.67 1.78 4.41
C LEU C 53 -10.13 2.98 5.09
N ALA C 54 -10.15 3.00 6.40
CA ALA C 54 -9.67 4.14 7.11
C ALA C 54 -8.28 3.84 7.49
N LYS C 55 -8.01 2.57 7.63
CA LYS C 55 -6.73 2.15 8.04
C LYS C 55 -5.91 2.16 6.85
N ALA C 56 -6.52 1.87 5.73
CA ALA C 56 -5.82 1.93 4.46
C ALA C 56 -5.34 3.35 4.25
N LYS C 57 -6.25 4.30 4.42
CA LYS C 57 -5.99 5.74 4.25
C LYS C 57 -5.04 6.26 5.31
N GLU C 58 -5.27 5.89 6.52
CA GLU C 58 -4.36 6.26 7.53
C GLU C 58 -2.98 5.85 7.22
N ILE C 59 -2.78 4.66 6.68
CA ILE C 59 -1.46 4.17 6.30
C ILE C 59 -0.84 5.03 5.18
N VAL C 60 -1.62 5.30 4.13
CA VAL C 60 -1.15 6.15 3.03
C VAL C 60 -0.55 7.47 3.53
N ALA C 61 -1.21 8.07 4.50
CA ALA C 61 -0.81 9.35 5.04
C ALA C 61 0.41 9.28 5.96
N SER C 62 0.98 8.08 6.14
CA SER C 62 2.04 7.94 7.14
C SER C 62 3.48 7.89 6.63
N ALA C 63 3.68 8.18 5.34
CA ALA C 63 5.00 8.15 4.76
C ALA C 63 4.99 8.72 3.36
N PRO C 64 6.15 9.24 2.92
CA PRO C 64 6.33 9.86 1.60
C PRO C 64 5.81 8.95 0.53
N VAL C 65 6.34 7.72 0.54
CA VAL C 65 5.93 6.64 -0.36
C VAL C 65 5.38 5.50 0.44
N VAL C 66 4.35 4.87 -0.08
CA VAL C 66 3.80 3.69 0.57
C VAL C 66 3.55 2.57 -0.45
N VAL C 67 4.18 1.41 -0.23
CA VAL C 67 3.90 0.26 -1.08
C VAL C 67 3.10 -0.76 -0.32
N PHE C 68 1.89 -1.01 -0.80
CA PHE C 68 1.07 -2.12 -0.34
C PHE C 68 1.53 -3.37 -1.11
N SER C 69 2.13 -4.34 -0.42
CA SER C 69 2.64 -5.54 -1.09
C SER C 69 2.24 -6.83 -0.42
N LYS C 70 2.61 -7.92 -1.10
CA LYS C 70 2.60 -9.27 -0.53
C LYS C 70 4.01 -9.85 -0.52
N SER C 71 4.36 -10.53 0.57
CA SER C 71 5.75 -10.96 0.83
C SER C 71 6.34 -11.98 -0.15
N TYR C 72 5.49 -12.54 -0.99
CA TYR C 72 5.92 -13.52 -1.95
C TYR C 72 5.70 -13.05 -3.35
N CYS C 73 5.39 -11.77 -3.53
CA CYS C 73 5.12 -11.28 -4.88
C CYS C 73 6.32 -10.64 -5.55
N PRO C 74 6.72 -11.17 -6.71
CA PRO C 74 7.92 -10.67 -7.37
C PRO C 74 7.78 -9.24 -7.86
N PHE C 75 6.61 -8.82 -8.33
CA PHE C 75 6.45 -7.42 -8.74
C PHE C 75 6.77 -6.43 -7.58
N CYS C 76 6.11 -6.61 -6.46
CA CYS C 76 6.43 -5.92 -5.22
C CYS C 76 7.91 -5.82 -4.85
N VAL C 77 8.75 -6.72 -5.33
CA VAL C 77 10.16 -6.52 -5.05
C VAL C 77 10.77 -5.69 -6.17
N GLN C 78 10.12 -5.68 -7.31
CA GLN C 78 10.64 -4.88 -8.36
C GLN C 78 10.59 -3.50 -7.79
N VAL C 79 9.38 -3.01 -7.66
CA VAL C 79 9.13 -1.71 -7.13
C VAL C 79 9.96 -1.35 -5.97
N LYS C 80 9.81 -2.04 -4.88
CA LYS C 80 10.61 -1.64 -3.74
C LYS C 80 12.05 -1.65 -4.04
N LYS C 81 12.38 -2.13 -5.21
CA LYS C 81 13.75 -2.22 -5.60
C LYS C 81 14.10 -0.94 -6.27
N LEU C 82 13.23 -0.48 -7.13
CA LEU C 82 13.47 0.76 -7.80
C LEU C 82 13.80 1.81 -6.80
N PHE C 83 12.80 2.02 -5.97
CA PHE C 83 12.80 2.99 -4.95
C PHE C 83 14.01 3.02 -4.14
N THR C 84 14.72 1.92 -4.06
CA THR C 84 15.91 1.93 -3.23
C THR C 84 17.02 2.44 -4.05
N GLN C 85 17.00 2.05 -5.30
CA GLN C 85 17.99 2.48 -6.24
C GLN C 85 17.99 3.98 -6.23
N LEU C 86 16.79 4.54 -6.28
CA LEU C 86 16.61 5.95 -6.35
C LEU C 86 16.75 6.60 -5.05
N GLY C 87 17.18 5.91 -4.02
CA GLY C 87 17.48 6.50 -2.73
C GLY C 87 16.24 7.08 -2.03
N ALA C 88 15.08 6.87 -2.65
CA ALA C 88 13.77 7.15 -2.06
C ALA C 88 13.51 6.23 -0.89
N SER C 89 12.91 6.79 0.17
CA SER C 89 12.54 5.99 1.33
C SER C 89 11.05 5.67 1.27
N PHE C 90 10.67 4.43 1.61
CA PHE C 90 9.27 4.00 1.48
C PHE C 90 8.83 3.21 2.68
N LYS C 91 7.52 3.06 2.83
CA LYS C 91 6.95 2.16 3.84
C LYS C 91 6.24 1.02 3.14
N ALA C 92 6.74 -0.20 3.34
CA ALA C 92 6.15 -1.38 2.72
C ALA C 92 5.15 -2.02 3.67
N ILE C 93 4.03 -2.48 3.12
CA ILE C 93 3.01 -3.12 3.93
C ILE C 93 2.73 -4.50 3.38
N GLU C 94 3.24 -5.53 4.08
CA GLU C 94 3.15 -6.89 3.54
C GLU C 94 1.79 -7.49 3.85
N LEU C 95 0.88 -7.35 2.89
CA LEU C 95 -0.53 -7.61 3.17
C LEU C 95 -0.82 -9.00 3.68
N ASP C 96 0.01 -9.94 3.27
CA ASP C 96 -0.15 -11.32 3.65
C ASP C 96 0.44 -11.60 5.01
N THR C 97 0.92 -10.60 5.72
CA THR C 97 1.56 -10.86 7.00
C THR C 97 0.70 -10.41 8.16
N GLU C 98 -0.56 -10.07 7.88
CA GLU C 98 -1.39 -9.35 8.85
C GLU C 98 -2.84 -9.73 8.73
N SER C 99 -3.51 -9.91 9.86
CA SER C 99 -4.78 -10.64 9.84
C SER C 99 -5.90 -9.94 9.07
N ASP C 100 -5.92 -8.61 9.15
CA ASP C 100 -6.85 -7.79 8.35
C ASP C 100 -6.34 -7.53 6.93
N GLY C 101 -5.27 -8.20 6.54
CA GLY C 101 -4.70 -7.96 5.24
C GLY C 101 -5.68 -8.07 4.09
N THR C 102 -6.61 -8.98 4.21
CA THR C 102 -7.52 -9.22 3.12
C THR C 102 -8.50 -8.06 3.02
N GLU C 103 -9.01 -7.63 4.18
CA GLU C 103 -9.92 -6.51 4.26
C GLU C 103 -9.30 -5.20 3.74
N ILE C 104 -8.09 -4.90 4.22
CA ILE C 104 -7.36 -3.79 3.67
C ILE C 104 -7.31 -3.87 2.17
N GLN C 105 -6.95 -5.02 1.63
CA GLN C 105 -6.81 -5.07 0.20
C GLN C 105 -8.14 -4.95 -0.57
N SER C 106 -9.23 -5.46 0.01
CA SER C 106 -10.52 -5.26 -0.66
C SER C 106 -10.94 -3.81 -0.48
N ALA C 107 -10.46 -3.19 0.58
CA ALA C 107 -10.65 -1.74 0.74
C ALA C 107 -9.99 -1.03 -0.40
N LEU C 108 -8.69 -1.24 -0.64
CA LEU C 108 -7.99 -0.59 -1.75
C LEU C 108 -8.78 -0.76 -3.06
N ALA C 109 -9.50 -1.85 -3.16
CA ALA C 109 -10.23 -2.13 -4.37
C ALA C 109 -11.35 -1.12 -4.56
N GLU C 110 -12.15 -0.87 -3.56
CA GLU C 110 -13.19 0.12 -3.66
C GLU C 110 -12.60 1.42 -3.94
N TRP C 111 -11.72 1.78 -3.06
CA TRP C 111 -11.08 3.08 -3.12
C TRP C 111 -10.36 3.29 -4.43
N THR C 112 -9.22 2.64 -4.63
CA THR C 112 -8.40 2.93 -5.82
C THR C 112 -8.73 2.10 -7.04
N GLY C 113 -9.75 1.24 -6.96
CA GLY C 113 -10.19 0.49 -8.14
C GLY C 113 -9.17 -0.47 -8.70
N GLN C 114 -8.20 -0.83 -7.86
CA GLN C 114 -7.07 -1.68 -8.24
C GLN C 114 -7.10 -2.90 -7.34
N ARG C 115 -6.99 -4.09 -7.91
CA ARG C 115 -7.19 -5.30 -7.11
C ARG C 115 -5.89 -6.07 -6.81
N THR C 116 -4.85 -5.81 -7.60
CA THR C 116 -3.59 -6.51 -7.47
C THR C 116 -2.60 -5.77 -6.55
N VAL C 117 -1.43 -6.38 -6.34
CA VAL C 117 -0.31 -5.69 -5.70
C VAL C 117 0.92 -5.80 -6.60
N PRO C 118 1.88 -4.88 -6.50
CA PRO C 118 1.93 -3.78 -5.53
C PRO C 118 0.92 -2.67 -5.78
N ASN C 119 0.45 -2.06 -4.69
CA ASN C 119 -0.31 -0.83 -4.80
C ASN C 119 0.51 0.33 -4.29
N VAL C 120 0.77 1.28 -5.18
CA VAL C 120 1.79 2.28 -4.95
C VAL C 120 1.17 3.65 -4.66
N PHE C 121 1.77 4.35 -3.70
CA PHE C 121 1.32 5.67 -3.33
C PHE C 121 2.55 6.51 -3.06
N ILE C 122 2.67 7.62 -3.79
CA ILE C 122 3.70 8.61 -3.48
C ILE C 122 2.97 9.84 -3.04
N ASN C 123 3.35 10.34 -1.87
CA ASN C 123 2.71 11.48 -1.24
C ASN C 123 1.20 11.51 -1.44
N GLY C 124 0.46 10.73 -0.66
CA GLY C 124 -0.96 10.69 -0.81
C GLY C 124 -1.52 10.35 -2.18
N LYS C 125 -0.73 10.41 -3.25
CA LYS C 125 -1.36 9.96 -4.50
C LYS C 125 -1.04 8.59 -5.07
N HIS C 126 -2.13 7.92 -5.46
CA HIS C 126 -2.14 6.59 -6.04
C HIS C 126 -1.46 6.54 -7.40
N ILE C 127 -0.18 6.17 -7.39
CA ILE C 127 0.61 5.90 -8.59
C ILE C 127 0.09 4.68 -9.33
N GLY C 128 -0.30 3.66 -8.58
CA GLY C 128 -0.91 2.48 -9.18
C GLY C 128 -0.07 1.21 -9.20
N GLY C 129 0.11 0.64 -10.39
CA GLY C 129 1.00 -0.52 -10.59
C GLY C 129 2.44 -0.12 -10.28
N CYS C 130 3.44 -1.01 -10.27
CA CYS C 130 3.60 -2.43 -10.74
C CYS C 130 4.38 -2.34 -11.98
N ASP C 131 3.85 -1.43 -12.77
CA ASP C 131 4.22 -1.19 -14.16
C ASP C 131 4.12 0.32 -14.37
N ASP C 132 3.03 0.88 -13.84
CA ASP C 132 2.81 2.32 -13.72
C ASP C 132 4.02 3.07 -13.14
N THR C 133 4.52 2.63 -11.99
CA THR C 133 5.74 3.18 -11.40
C THR C 133 6.96 3.05 -12.30
N ILE C 134 6.92 2.12 -13.25
CA ILE C 134 8.05 1.93 -14.16
C ILE C 134 8.00 3.01 -15.22
N ALA C 135 6.83 3.11 -15.85
CA ALA C 135 6.56 4.13 -16.86
C ALA C 135 6.88 5.51 -16.31
N LEU C 136 6.49 5.76 -15.09
CA LEU C 136 6.79 7.03 -14.49
C LEU C 136 8.28 7.26 -14.44
N ASN C 137 9.07 6.20 -14.42
CA ASN C 137 10.51 6.37 -14.34
C ASN C 137 11.14 6.35 -15.68
N LYS C 138 10.37 5.99 -16.69
CA LYS C 138 10.88 5.96 -18.04
C LYS C 138 11.49 7.29 -18.33
N GLY C 139 10.76 8.31 -17.95
CA GLY C 139 11.18 9.67 -18.13
C GLY C 139 11.15 10.57 -16.92
N GLY C 140 12.32 10.82 -16.37
CA GLY C 140 12.50 11.75 -15.26
C GLY C 140 11.36 12.18 -14.29
N LYS C 141 10.13 11.92 -14.65
CA LYS C 141 9.03 12.28 -13.81
C LYS C 141 9.05 11.69 -12.45
N LEU C 142 9.56 10.49 -12.27
CA LEU C 142 9.43 9.93 -10.97
C LEU C 142 10.33 10.56 -10.02
N VAL C 143 11.56 10.72 -10.35
CA VAL C 143 12.46 11.21 -9.31
C VAL C 143 11.97 12.57 -8.83
N ALA C 144 11.27 13.25 -9.74
CA ALA C 144 10.50 14.45 -9.42
C ALA C 144 9.54 14.17 -8.25
N LEU C 145 8.54 13.36 -8.48
CA LEU C 145 7.54 13.04 -7.49
C LEU C 145 8.12 12.57 -6.21
N LEU C 146 9.27 12.01 -6.25
CA LEU C 146 9.73 11.42 -5.05
C LEU C 146 10.42 12.44 -4.28
N THR C 147 10.68 13.53 -4.96
CA THR C 147 11.46 14.60 -4.37
C THR C 147 10.51 15.55 -3.84
N GLU C 148 9.42 15.72 -4.55
CA GLU C 148 8.39 16.56 -4.04
C GLU C 148 8.05 16.23 -2.62
N ALA C 149 8.44 15.06 -2.16
CA ALA C 149 8.16 14.62 -0.82
C ALA C 149 9.42 14.01 -0.29
N GLY C 150 9.43 13.63 0.96
CA GLY C 150 10.61 13.03 1.49
C GLY C 150 11.09 11.89 0.62
N ALA C 151 12.41 11.83 0.49
CA ALA C 151 13.16 10.86 -0.30
C ALA C 151 14.34 11.66 -0.77
N ILE C 152 14.97 12.23 0.23
CA ILE C 152 16.14 13.07 0.21
C ILE C 152 17.17 12.66 -0.80
N ILE D 47 -15.90 31.21 -11.39
CA ILE D 47 -16.01 31.53 -9.98
C ILE D 47 -17.43 31.23 -9.53
N SER D 48 -18.00 30.11 -9.96
CA SER D 48 -19.36 29.84 -9.62
C SER D 48 -19.87 28.47 -9.44
N ASP D 49 -20.13 28.25 -8.18
CA ASP D 49 -20.89 27.22 -7.50
C ASP D 49 -20.69 28.10 -6.34
N PRO D 50 -21.65 28.96 -6.09
CA PRO D 50 -21.51 29.99 -5.06
C PRO D 50 -22.08 29.57 -3.72
N MET D 51 -23.11 28.71 -3.74
CA MET D 51 -23.68 28.08 -2.56
C MET D 51 -22.66 27.18 -1.93
N ALA D 52 -21.50 27.06 -2.53
CA ALA D 52 -20.54 26.10 -2.07
C ALA D 52 -19.23 26.84 -1.86
N LEU D 53 -19.19 28.08 -2.33
CA LEU D 53 -18.13 29.01 -1.93
C LEU D 53 -18.54 29.55 -0.59
N ALA D 54 -19.85 29.75 -0.42
CA ALA D 54 -20.40 30.23 0.84
C ALA D 54 -19.86 29.32 1.94
N LYS D 55 -20.15 28.05 1.84
CA LYS D 55 -19.80 27.12 2.85
C LYS D 55 -18.38 26.93 3.07
N ALA D 56 -17.62 27.11 2.07
CA ALA D 56 -16.19 27.11 2.31
C ALA D 56 -15.87 28.18 3.32
N LYS D 57 -16.31 29.40 3.00
CA LYS D 57 -16.16 30.57 3.84
C LYS D 57 -16.65 30.37 5.29
N GLU D 58 -17.94 30.04 5.47
CA GLU D 58 -18.44 29.68 6.82
C GLU D 58 -17.39 28.96 7.64
N ILE D 59 -17.05 27.75 7.21
CA ILE D 59 -16.07 26.92 7.87
C ILE D 59 -14.78 27.68 8.21
N VAL D 60 -14.29 28.54 7.30
CA VAL D 60 -13.05 29.28 7.57
C VAL D 60 -13.24 30.19 8.78
N ALA D 61 -14.49 30.60 8.95
CA ALA D 61 -14.90 31.54 9.96
C ALA D 61 -15.55 30.80 11.11
N SER D 62 -15.22 29.53 11.29
CA SER D 62 -15.81 28.81 12.42
C SER D 62 -14.74 28.32 13.38
N ALA D 63 -13.51 28.76 13.21
CA ALA D 63 -12.49 28.52 14.21
C ALA D 63 -11.25 29.36 13.97
N PRO D 64 -10.53 29.67 15.06
CA PRO D 64 -9.25 30.38 14.98
C PRO D 64 -8.42 29.85 13.84
N VAL D 65 -8.22 28.52 13.82
CA VAL D 65 -7.48 27.88 12.75
C VAL D 65 -8.34 26.86 12.02
N VAL D 66 -8.31 26.89 10.69
CA VAL D 66 -9.07 25.91 9.90
C VAL D 66 -8.21 25.31 8.82
N VAL D 67 -7.98 23.99 8.93
CA VAL D 67 -7.19 23.23 7.98
C VAL D 67 -8.10 22.37 7.14
N PHE D 68 -8.17 22.68 5.85
CA PHE D 68 -8.85 21.84 4.91
C PHE D 68 -7.87 20.74 4.55
N SER D 69 -8.23 19.50 4.82
CA SER D 69 -7.32 18.41 4.49
C SER D 69 -8.01 17.15 3.96
N LYS D 70 -7.20 16.10 3.86
CA LYS D 70 -7.65 14.78 3.46
C LYS D 70 -7.10 13.68 4.35
N SER D 71 -7.96 12.68 4.59
CA SER D 71 -7.71 11.52 5.48
C SER D 71 -6.40 10.77 5.22
N TYR D 72 -5.99 10.80 3.96
CA TYR D 72 -4.77 10.14 3.52
C TYR D 72 -3.70 11.07 3.00
N CYS D 73 -3.56 12.26 3.57
CA CYS D 73 -2.53 13.17 3.07
C CYS D 73 -1.38 13.38 4.02
N PRO D 74 -0.22 12.84 3.68
CA PRO D 74 0.99 12.95 4.52
C PRO D 74 1.30 14.40 4.96
N PHE D 75 1.10 15.35 4.11
CA PHE D 75 1.43 16.71 4.44
C PHE D 75 0.49 17.32 5.43
N CYS D 76 -0.79 17.27 5.14
CA CYS D 76 -1.81 17.60 6.14
C CYS D 76 -1.43 17.08 7.51
N VAL D 77 -0.97 15.85 7.57
CA VAL D 77 -0.64 15.31 8.87
C VAL D 77 0.51 16.13 9.47
N GLN D 78 1.34 16.66 8.61
CA GLN D 78 2.44 17.48 9.03
C GLN D 78 2.01 18.85 9.44
N VAL D 79 0.85 19.26 9.00
CA VAL D 79 0.36 20.53 9.35
C VAL D 79 -0.31 20.27 10.67
N LYS D 80 -1.41 19.56 10.65
CA LYS D 80 -2.17 19.23 11.83
C LYS D 80 -1.32 18.94 13.04
N LYS D 81 -0.07 18.62 12.83
CA LYS D 81 0.81 18.29 13.93
C LYS D 81 1.47 19.51 14.39
N LEU D 82 2.24 20.12 13.54
CA LEU D 82 2.85 21.35 13.97
C LEU D 82 2.01 22.11 14.93
N PHE D 83 0.75 22.28 14.61
CA PHE D 83 -0.15 23.07 15.43
C PHE D 83 -0.25 22.49 16.84
N THR D 84 -0.66 21.23 16.94
CA THR D 84 -0.80 20.60 18.25
C THR D 84 0.50 20.73 19.04
N GLN D 85 1.63 20.72 18.34
CA GLN D 85 2.93 20.95 18.95
C GLN D 85 2.97 22.30 19.64
N LEU D 86 2.56 23.33 18.92
CA LEU D 86 2.51 24.69 19.42
C LEU D 86 1.31 24.89 20.34
N GLY D 87 0.69 23.79 20.76
CA GLY D 87 -0.42 23.84 21.68
C GLY D 87 -1.51 24.73 21.14
N ALA D 88 -1.61 24.73 19.81
CA ALA D 88 -2.63 25.46 19.08
C ALA D 88 -3.83 24.56 18.89
N SER D 89 -5.03 25.11 18.95
CA SER D 89 -6.20 24.30 18.61
C SER D 89 -6.60 24.63 17.17
N PHE D 90 -7.36 23.72 16.55
CA PHE D 90 -7.83 23.94 15.18
C PHE D 90 -9.01 23.07 14.81
N LYS D 91 -9.56 23.36 13.63
CA LYS D 91 -10.61 22.54 13.06
C LYS D 91 -10.04 21.95 11.78
N ALA D 92 -10.02 20.63 11.68
CA ALA D 92 -9.60 19.99 10.46
C ALA D 92 -10.83 19.53 9.73
N ILE D 93 -10.82 19.66 8.41
CA ILE D 93 -11.94 19.20 7.62
C ILE D 93 -11.44 18.20 6.59
N GLU D 94 -11.99 17.00 6.63
CA GLU D 94 -11.44 15.94 5.83
C GLU D 94 -12.30 15.68 4.58
N LEU D 95 -11.93 16.35 3.48
CA LEU D 95 -12.81 16.55 2.34
C LEU D 95 -13.29 15.25 1.69
N ASP D 96 -12.53 14.18 1.93
CA ASP D 96 -12.79 12.89 1.34
C ASP D 96 -13.84 12.14 2.14
N THR D 97 -13.71 12.15 3.47
CA THR D 97 -14.81 11.72 4.32
C THR D 97 -16.10 12.56 4.14
N GLU D 98 -15.98 13.81 3.69
CA GLU D 98 -17.17 14.64 3.54
C GLU D 98 -17.99 14.32 2.29
N SER D 99 -19.31 14.35 2.44
CA SER D 99 -20.16 14.09 1.29
C SER D 99 -19.90 15.07 0.16
N ASP D 100 -19.53 16.29 0.52
CA ASP D 100 -19.46 17.34 -0.48
C ASP D 100 -18.09 18.00 -0.52
N GLY D 101 -17.09 17.27 -0.06
CA GLY D 101 -15.76 17.79 -0.01
C GLY D 101 -15.23 18.27 -1.34
N THR D 102 -15.56 17.56 -2.42
CA THR D 102 -14.94 17.83 -3.71
C THR D 102 -15.35 19.20 -4.26
N GLU D 103 -16.65 19.51 -4.20
CA GLU D 103 -17.18 20.82 -4.58
C GLU D 103 -16.62 21.93 -3.70
N ILE D 104 -16.69 21.69 -2.40
CA ILE D 104 -16.05 22.56 -1.43
C ILE D 104 -14.59 22.86 -1.81
N GLN D 105 -13.91 21.87 -2.36
CA GLN D 105 -12.53 22.07 -2.81
C GLN D 105 -12.41 22.79 -4.16
N SER D 106 -13.40 22.64 -5.03
CA SER D 106 -13.37 23.36 -6.32
C SER D 106 -13.67 24.83 -6.05
N ALA D 107 -14.65 25.05 -5.16
CA ALA D 107 -14.97 26.36 -4.58
C ALA D 107 -13.72 26.96 -3.96
N LEU D 108 -13.19 26.29 -2.95
CA LEU D 108 -11.95 26.70 -2.32
C LEU D 108 -10.88 27.13 -3.31
N ALA D 109 -11.00 26.62 -4.53
CA ALA D 109 -9.93 26.72 -5.50
C ALA D 109 -10.15 27.91 -6.42
N GLU D 110 -11.38 28.07 -6.91
CA GLU D 110 -11.72 29.26 -7.68
C GLU D 110 -11.32 30.45 -6.78
N TRP D 111 -11.86 30.43 -5.57
CA TRP D 111 -11.58 31.40 -4.51
C TRP D 111 -10.09 31.71 -4.27
N THR D 112 -9.32 30.79 -3.72
CA THR D 112 -7.97 31.14 -3.27
C THR D 112 -6.87 30.83 -4.26
N GLY D 113 -7.25 30.29 -5.41
CA GLY D 113 -6.28 29.89 -6.41
C GLY D 113 -5.44 28.69 -6.04
N GLN D 114 -5.77 28.06 -4.92
CA GLN D 114 -5.04 26.89 -4.46
C GLN D 114 -5.83 25.65 -4.85
N ARG D 115 -5.12 24.59 -5.20
CA ARG D 115 -5.76 23.37 -5.60
C ARG D 115 -5.31 22.26 -4.74
N THR D 116 -4.13 22.37 -4.21
CA THR D 116 -3.61 21.32 -3.35
C THR D 116 -4.36 21.24 -2.02
N VAL D 117 -3.86 20.39 -1.12
CA VAL D 117 -4.31 20.26 0.24
C VAL D 117 -3.07 19.81 1.01
N PRO D 118 -2.87 20.24 2.26
CA PRO D 118 -3.69 21.08 3.15
C PRO D 118 -3.94 22.51 2.62
N ASN D 119 -5.13 23.02 2.89
CA ASN D 119 -5.37 24.45 2.79
C ASN D 119 -5.52 25.03 4.20
N VAL D 120 -4.53 25.81 4.63
CA VAL D 120 -4.53 26.45 5.96
C VAL D 120 -5.38 27.73 5.97
N PHE D 121 -5.77 28.17 7.16
CA PHE D 121 -6.42 29.46 7.37
C PHE D 121 -6.28 29.78 8.85
N ILE D 122 -5.51 30.80 9.15
CA ILE D 122 -5.40 31.29 10.49
C ILE D 122 -6.12 32.57 10.64
N ASN D 123 -7.29 32.48 11.20
CA ASN D 123 -8.17 33.60 11.28
C ASN D 123 -8.51 34.06 9.95
N GLY D 124 -9.69 33.71 9.51
CA GLY D 124 -10.15 34.14 8.21
C GLY D 124 -9.16 34.38 7.08
N LYS D 125 -7.87 34.22 7.30
CA LYS D 125 -6.97 34.45 6.20
C LYS D 125 -6.05 33.36 5.71
N HIS D 126 -5.90 33.31 4.41
CA HIS D 126 -5.36 32.20 3.73
C HIS D 126 -4.11 31.50 4.25
N ILE D 127 -2.95 32.07 4.11
CA ILE D 127 -1.83 31.31 4.60
C ILE D 127 -1.27 30.34 3.62
N GLY D 128 -2.05 29.41 3.11
CA GLY D 128 -1.53 28.44 2.15
C GLY D 128 -1.54 26.94 2.39
N GLY D 129 -0.38 26.31 2.55
CA GLY D 129 -0.28 24.87 2.77
C GLY D 129 1.02 24.57 3.45
N CYS D 130 1.24 23.31 3.89
CA CYS D 130 2.41 22.93 4.69
C CYS D 130 3.66 23.55 4.13
N ASP D 131 3.77 23.35 2.85
CA ASP D 131 4.54 24.12 1.94
C ASP D 131 4.90 25.47 2.52
N ASP D 132 3.98 26.41 2.51
CA ASP D 132 4.13 27.73 3.18
C ASP D 132 4.23 27.75 4.72
N THR D 133 3.18 27.29 5.39
CA THR D 133 3.01 27.49 6.83
C THR D 133 4.15 27.04 7.75
N ILE D 134 5.17 26.46 7.20
CA ILE D 134 6.27 26.10 8.06
C ILE D 134 7.14 27.32 8.19
N ALA D 135 7.33 28.03 7.09
CA ALA D 135 8.17 29.21 7.13
C ALA D 135 7.80 30.13 8.28
N LEU D 136 6.53 30.21 8.61
CA LEU D 136 6.10 31.08 9.68
C LEU D 136 6.52 30.58 11.04
N ASN D 137 7.08 29.39 11.06
CA ASN D 137 7.63 28.83 12.27
C ASN D 137 9.13 28.96 12.10
N LYS D 138 9.54 28.74 10.87
CA LYS D 138 10.90 28.97 10.42
C LYS D 138 11.09 30.45 10.32
N GLY D 139 10.41 31.14 11.19
CA GLY D 139 10.52 32.59 11.23
C GLY D 139 9.86 33.22 12.46
N GLY D 140 9.47 32.37 13.41
CA GLY D 140 8.92 32.82 14.69
C GLY D 140 7.64 33.64 14.63
N LYS D 141 7.20 33.93 13.43
CA LYS D 141 6.05 34.75 13.28
C LYS D 141 4.76 33.92 13.32
N LEU D 142 4.86 32.61 13.20
CA LEU D 142 3.66 31.82 13.23
C LEU D 142 3.05 31.93 14.54
N VAL D 143 3.78 31.62 15.57
CA VAL D 143 3.18 31.67 16.87
C VAL D 143 2.49 32.97 17.09
N ALA D 144 2.83 33.94 16.27
CA ALA D 144 2.22 35.23 16.41
C ALA D 144 0.79 35.14 15.99
N LEU D 145 0.57 34.87 14.73
CA LEU D 145 -0.76 34.77 14.21
C LEU D 145 -1.58 33.86 15.04
N LEU D 146 -1.06 32.67 15.22
CA LEU D 146 -1.74 31.64 15.94
C LEU D 146 -2.25 32.11 17.24
N THR D 147 -1.72 33.23 17.69
CA THR D 147 -2.17 33.76 18.95
C THR D 147 -3.04 34.97 18.81
N GLU D 148 -3.05 35.57 17.64
CA GLU D 148 -3.90 36.71 17.43
C GLU D 148 -5.31 36.20 17.59
N ALA D 149 -5.49 34.91 17.46
CA ALA D 149 -6.78 34.29 17.78
C ALA D 149 -6.44 33.22 18.79
N GLY D 150 -7.46 32.59 19.39
CA GLY D 150 -7.17 31.78 20.56
C GLY D 150 -7.92 30.48 20.75
N ALA D 151 -7.32 29.31 20.46
CA ALA D 151 -5.95 29.12 19.91
C ALA D 151 -4.78 29.69 20.73
N ILE D 152 -4.51 29.11 21.89
CA ILE D 152 -3.41 29.61 22.72
C ILE D 152 -2.06 29.14 22.16
N ASP E 49 -12.61 59.53 0.00
CA ASP E 49 -12.68 59.33 -1.44
C ASP E 49 -13.04 57.88 -1.80
N PRO E 50 -13.94 57.62 -2.84
CA PRO E 50 -14.51 58.77 -3.53
C PRO E 50 -15.89 59.07 -2.99
N MET E 51 -16.94 58.58 -3.66
CA MET E 51 -18.29 58.78 -3.19
C MET E 51 -18.29 57.88 -2.00
N ALA E 52 -17.68 56.72 -2.20
CA ALA E 52 -17.52 55.72 -1.12
C ALA E 52 -18.18 55.99 0.24
N LEU E 53 -17.83 57.09 0.89
CA LEU E 53 -18.32 57.37 2.21
C LEU E 53 -19.74 57.55 2.19
N ALA E 54 -20.23 58.10 1.11
CA ALA E 54 -21.68 58.23 0.96
C ALA E 54 -22.40 56.94 1.36
N LYS E 55 -22.22 55.88 0.57
CA LYS E 55 -22.89 54.61 0.83
C LYS E 55 -22.53 54.04 2.19
N ALA E 56 -21.29 54.23 2.60
CA ALA E 56 -20.85 53.81 3.91
C ALA E 56 -21.71 54.46 5.00
N LYS E 57 -21.76 55.79 5.01
CA LYS E 57 -22.57 56.56 5.93
C LYS E 57 -24.00 56.20 5.77
N GLU E 58 -24.50 56.33 4.60
CA GLU E 58 -25.85 55.94 4.39
C GLU E 58 -26.25 54.64 4.99
N ILE E 59 -25.31 53.74 5.11
CA ILE E 59 -25.61 52.43 5.61
C ILE E 59 -25.58 52.44 7.08
N VAL E 60 -24.59 53.09 7.66
CA VAL E 60 -24.56 53.21 9.12
C VAL E 60 -25.86 53.77 9.66
N ALA E 61 -26.57 54.52 8.83
CA ALA E 61 -27.86 55.08 9.24
C ALA E 61 -29.05 54.19 8.89
N SER E 62 -28.80 52.98 8.40
CA SER E 62 -29.92 52.17 7.89
C SER E 62 -30.58 51.28 8.95
N ALA E 63 -29.93 51.17 10.11
CA ALA E 63 -30.41 50.39 11.24
C ALA E 63 -29.72 50.75 12.59
N PRO E 64 -30.33 50.37 13.73
CA PRO E 64 -29.83 50.51 15.10
C PRO E 64 -28.39 50.10 15.27
N VAL E 65 -28.11 48.82 15.07
CA VAL E 65 -26.75 48.34 15.06
C VAL E 65 -26.39 48.03 13.62
N VAL E 66 -25.12 48.19 13.27
CA VAL E 66 -24.61 47.82 11.96
C VAL E 66 -23.21 47.21 12.09
N VAL E 67 -23.02 46.02 11.53
CA VAL E 67 -21.69 45.44 11.44
C VAL E 67 -21.26 45.19 10.06
N PHE E 68 -20.17 45.82 9.69
CA PHE E 68 -19.55 45.53 8.42
C PHE E 68 -18.69 44.30 8.67
N SER E 69 -19.08 43.18 8.06
CA SER E 69 -18.34 41.92 8.28
C SER E 69 -17.78 41.37 6.99
N LYS E 70 -17.09 40.24 7.12
CA LYS E 70 -16.73 39.35 6.02
C LYS E 70 -17.23 37.93 6.32
N SER E 71 -17.98 37.33 5.37
CA SER E 71 -18.63 36.01 5.57
C SER E 71 -17.69 34.84 5.85
N TYR E 72 -16.41 35.16 5.92
CA TYR E 72 -15.40 34.21 6.22
C TYR E 72 -14.55 34.67 7.29
N CYS E 73 -14.96 35.65 8.03
CA CYS E 73 -14.16 36.12 9.16
C CYS E 73 -14.73 35.69 10.51
N PRO E 74 -13.92 35.00 11.32
CA PRO E 74 -14.43 34.40 12.55
C PRO E 74 -14.90 35.46 13.55
N PHE E 75 -14.09 36.48 13.81
CA PHE E 75 -14.48 37.59 14.70
C PHE E 75 -15.88 38.11 14.41
N CYS E 76 -16.08 38.65 13.21
CA CYS E 76 -17.44 38.99 12.72
C CYS E 76 -18.56 38.07 13.20
N VAL E 77 -18.26 36.79 13.40
CA VAL E 77 -19.28 35.87 13.85
C VAL E 77 -19.47 36.00 15.34
N GLN E 78 -18.42 36.33 16.04
CA GLN E 78 -18.54 36.41 17.44
C GLN E 78 -19.44 37.55 17.70
N VAL E 79 -18.98 38.70 17.36
CA VAL E 79 -19.74 39.91 17.56
C VAL E 79 -21.17 39.73 17.11
N LYS E 80 -21.44 38.89 16.15
CA LYS E 80 -22.82 38.80 15.78
C LYS E 80 -23.55 37.88 16.67
N LYS E 81 -22.78 37.17 17.46
CA LYS E 81 -23.32 36.26 18.43
C LYS E 81 -23.97 37.03 19.56
N LEU E 82 -23.34 38.10 19.97
CA LEU E 82 -23.83 38.95 21.00
C LEU E 82 -25.14 39.43 20.53
N PHE E 83 -25.16 40.48 19.76
CA PHE E 83 -26.37 41.07 19.23
C PHE E 83 -27.55 40.17 18.95
N THR E 84 -27.36 38.91 19.09
CA THR E 84 -28.39 37.94 18.89
C THR E 84 -28.79 37.47 20.26
N GLN E 85 -27.77 37.29 21.08
CA GLN E 85 -27.86 36.86 22.44
C GLN E 85 -28.65 37.86 23.24
N LEU E 86 -28.53 39.11 22.83
CA LEU E 86 -29.11 40.23 23.48
C LEU E 86 -30.29 40.83 22.79
N GLY E 87 -31.01 40.07 22.01
CA GLY E 87 -32.25 40.56 21.40
C GLY E 87 -32.03 41.77 20.51
N ALA E 88 -30.76 42.16 20.41
CA ALA E 88 -30.33 43.33 19.65
C ALA E 88 -30.52 43.13 18.15
N SER E 89 -31.65 43.55 17.60
CA SER E 89 -31.88 43.41 16.17
C SER E 89 -30.84 44.23 15.40
N PHE E 90 -30.31 43.68 14.31
CA PHE E 90 -29.22 44.33 13.55
C PHE E 90 -29.16 44.00 12.05
N LYS E 91 -28.34 44.77 11.34
CA LYS E 91 -28.17 44.61 9.91
C LYS E 91 -26.74 44.18 9.67
N ALA E 92 -26.60 43.10 8.92
CA ALA E 92 -25.33 42.52 8.59
C ALA E 92 -24.88 42.86 7.19
N ILE E 93 -23.58 43.08 7.05
CA ILE E 93 -23.01 43.48 5.79
C ILE E 93 -21.74 42.75 5.49
N GLU E 94 -21.84 41.70 4.71
CA GLU E 94 -20.70 40.91 4.35
C GLU E 94 -20.08 41.44 3.08
N LEU E 95 -18.98 42.12 3.26
CA LEU E 95 -18.27 42.78 2.19
C LEU E 95 -17.75 41.95 1.07
N ASP E 96 -17.46 40.69 1.33
CA ASP E 96 -17.03 39.79 0.27
C ASP E 96 -18.11 39.52 -0.76
N THR E 97 -19.36 39.42 -0.32
CA THR E 97 -20.42 39.09 -1.26
C THR E 97 -20.98 40.33 -1.95
N GLU E 98 -20.27 41.44 -1.89
CA GLU E 98 -20.76 42.64 -2.53
C GLU E 98 -19.73 43.19 -3.43
N SER E 99 -20.18 43.58 -4.61
CA SER E 99 -19.32 44.11 -5.65
C SER E 99 -18.48 45.30 -5.20
N ASP E 100 -19.08 46.09 -4.33
CA ASP E 100 -18.49 47.28 -3.77
C ASP E 100 -17.38 46.86 -2.85
N GLY E 101 -17.66 46.72 -1.58
CA GLY E 101 -16.68 46.33 -0.61
C GLY E 101 -15.35 46.98 -0.83
N THR E 102 -14.29 46.39 -0.36
CA THR E 102 -12.94 46.95 -0.49
C THR E 102 -12.73 48.42 -0.58
N GLU E 103 -13.48 49.09 -1.44
CA GLU E 103 -13.47 50.56 -1.43
C GLU E 103 -14.34 51.10 -0.29
N ILE E 104 -15.48 50.48 -0.07
CA ILE E 104 -16.23 50.76 1.11
C ILE E 104 -15.41 50.53 2.32
N GLN E 105 -14.71 49.44 2.37
CA GLN E 105 -13.86 49.14 3.50
C GLN E 105 -12.69 50.12 3.59
N SER E 106 -12.38 50.83 2.53
CA SER E 106 -11.29 51.80 2.58
C SER E 106 -11.81 53.20 2.86
N ALA E 107 -13.08 53.43 2.53
CA ALA E 107 -13.75 54.65 2.95
C ALA E 107 -13.74 54.65 4.47
N LEU E 108 -14.27 53.57 5.03
CA LEU E 108 -14.27 53.39 6.47
C LEU E 108 -12.87 53.45 7.06
N ALA E 109 -11.85 53.25 6.22
CA ALA E 109 -10.47 53.38 6.68
C ALA E 109 -10.19 54.84 7.04
N GLU E 110 -10.55 55.72 6.14
CA GLU E 110 -10.48 57.14 6.46
C GLU E 110 -11.86 57.65 6.75
N TRP E 111 -12.18 57.66 8.02
CA TRP E 111 -13.41 58.17 8.58
C TRP E 111 -13.23 57.75 10.01
N THR E 112 -13.07 56.44 10.19
CA THR E 112 -12.95 55.87 11.51
C THR E 112 -11.50 55.58 11.85
N GLY E 113 -10.76 55.06 10.88
CA GLY E 113 -9.36 54.72 11.10
C GLY E 113 -9.12 53.25 11.36
N GLN E 114 -10.16 52.43 11.23
CA GLN E 114 -10.05 51.00 11.47
C GLN E 114 -10.20 50.22 10.16
N ARG E 115 -9.09 49.61 9.72
CA ARG E 115 -9.09 48.81 8.50
C ARG E 115 -9.58 47.38 8.79
N THR E 116 -9.31 46.88 9.99
CA THR E 116 -9.79 45.56 10.40
C THR E 116 -11.31 45.44 10.37
N VAL E 117 -11.79 44.23 10.19
CA VAL E 117 -13.22 43.97 10.25
C VAL E 117 -13.46 43.00 11.43
N PRO E 118 -14.57 43.17 12.17
CA PRO E 118 -15.67 44.11 11.91
C PRO E 118 -15.37 45.55 12.33
N ASN E 119 -16.13 46.48 11.78
CA ASN E 119 -16.27 47.78 12.38
C ASN E 119 -17.70 47.82 12.82
N VAL E 120 -17.89 47.99 14.12
CA VAL E 120 -19.22 47.91 14.70
C VAL E 120 -19.81 49.28 14.94
N PHE E 121 -21.06 49.46 14.51
CA PHE E 121 -21.75 50.74 14.66
C PHE E 121 -23.04 50.51 15.44
N ILE E 122 -23.17 51.14 16.61
CA ILE E 122 -24.45 51.16 17.31
C ILE E 122 -25.08 52.55 17.24
N ASN E 123 -26.12 52.70 16.45
CA ASN E 123 -26.73 53.99 16.21
C ASN E 123 -25.70 55.03 15.97
N GLY E 124 -25.23 55.53 17.08
CA GLY E 124 -24.30 56.61 17.10
C GLY E 124 -22.96 56.15 16.61
N LYS E 125 -22.91 55.91 15.34
CA LYS E 125 -21.64 55.65 14.75
C LYS E 125 -20.59 54.82 15.56
N HIS E 126 -19.33 54.98 15.27
CA HIS E 126 -18.36 54.00 15.65
C HIS E 126 -18.38 53.49 17.06
N ILE E 127 -18.16 52.20 17.23
CA ILE E 127 -18.03 51.51 18.51
C ILE E 127 -16.71 50.74 18.51
N GLY E 128 -16.27 50.31 17.32
CA GLY E 128 -14.96 49.68 17.16
C GLY E 128 -14.91 48.24 16.63
N GLY E 129 -13.83 47.54 16.99
CA GLY E 129 -13.62 46.16 16.57
C GLY E 129 -14.21 45.14 17.54
N CYS E 130 -13.89 43.84 17.35
CA CYS E 130 -14.41 42.83 18.26
C CYS E 130 -13.95 43.17 19.67
N ASP E 131 -12.72 43.58 19.76
CA ASP E 131 -12.11 43.82 21.01
C ASP E 131 -12.97 44.78 21.74
N ASP E 132 -12.99 46.01 21.25
CA ASP E 132 -13.68 47.12 21.88
C ASP E 132 -15.14 46.83 22.18
N THR E 133 -15.80 46.19 21.26
CA THR E 133 -17.20 45.87 21.38
C THR E 133 -17.51 44.90 22.48
N ILE E 134 -16.53 44.53 23.27
CA ILE E 134 -16.76 43.57 24.33
C ILE E 134 -16.54 44.25 25.65
N ALA E 135 -15.42 44.94 25.73
CA ALA E 135 -15.08 45.63 26.95
C ALA E 135 -16.23 46.47 27.40
N LEU E 136 -17.24 46.56 26.55
CA LEU E 136 -18.40 47.35 26.90
C LEU E 136 -19.53 46.50 27.46
N ASN E 137 -19.43 45.20 27.32
CA ASN E 137 -20.53 44.39 27.77
C ASN E 137 -20.30 43.76 29.06
N LYS E 138 -19.10 43.88 29.57
CA LYS E 138 -18.77 43.27 30.83
C LYS E 138 -19.86 43.53 31.78
N GLY E 139 -20.22 44.78 31.82
CA GLY E 139 -21.27 45.26 32.68
C GLY E 139 -22.14 46.26 31.93
N GLY E 140 -23.45 45.99 31.88
CA GLY E 140 -24.48 46.87 31.34
C GLY E 140 -24.20 48.02 30.36
N LYS E 141 -22.94 48.44 30.26
CA LYS E 141 -22.53 49.60 29.46
C LYS E 141 -22.90 49.42 27.99
N LEU E 142 -22.66 48.21 27.47
CA LEU E 142 -23.04 47.89 26.09
C LEU E 142 -24.56 47.80 25.99
N VAL E 143 -25.16 46.93 26.82
CA VAL E 143 -26.60 46.72 26.81
C VAL E 143 -27.34 48.05 26.97
N ALA E 144 -26.67 49.01 27.61
CA ALA E 144 -27.10 50.39 27.63
C ALA E 144 -27.32 50.92 26.21
N LEU E 145 -26.25 50.98 25.45
CA LEU E 145 -26.31 51.60 24.15
C LEU E 145 -27.34 50.97 23.34
N LEU E 146 -27.49 49.71 23.55
CA LEU E 146 -28.33 48.97 22.68
C LEU E 146 -29.74 49.28 22.98
N THR E 147 -30.02 49.69 24.17
CA THR E 147 -31.38 50.09 24.54
C THR E 147 -31.65 51.51 24.10
N GLU E 148 -30.62 52.33 24.16
CA GLU E 148 -30.71 53.68 23.67
C GLU E 148 -31.11 53.69 22.25
N ALA E 149 -30.72 52.67 21.51
CA ALA E 149 -30.90 52.63 20.06
C ALA E 149 -31.98 51.68 19.53
N GLY E 150 -32.17 50.53 20.18
CA GLY E 150 -33.07 49.50 19.67
C GLY E 150 -32.67 48.06 20.04
N ALA E 151 -33.55 47.41 20.80
CA ALA E 151 -33.36 46.03 21.26
C ALA E 151 -34.67 45.27 21.15
#